data_6Y1U
#
_entry.id   6Y1U
#
_cell.length_a   88.130
_cell.length_b   88.130
_cell.length_c   176.783
_cell.angle_alpha   90.000
_cell.angle_beta   90.000
_cell.angle_gamma   120.000
#
_symmetry.space_group_name_H-M   'P 65'
#
loop_
_entity.id
_entity.type
_entity.pdbx_description
1 polymer 'Cell division protein FtsZ'
2 non-polymer 'DIMETHYL SULFOXIDE'
3 non-polymer "GUANOSINE-5'-DIPHOSPHATE"
4 non-polymer 4-HYDROXY-2H-CHROMEN-2-ONE
5 water water
#
_entity_poly.entity_id   1
_entity_poly.type   'polypeptide(L)'
_entity_poly.pdbx_seq_one_letter_code
;MTPPHNYLAVIKVVGIGGGGVNAVNRMIEQGLKGVEFIAINTDAQALLMSDADVKLDVGRDSTRGLGAGADPEVGRKAAE
DAKDEIEELLRGADMVFVTAGEGGGTGTGGAPVVASIARKLGALTVGVVTRPFSFEGKRRSNQAENGIAALRESCDTLIV
IPNDRLLQMGDAAVSLMDAFRSADEVLLNGVQGITDLITTPGLINVDFADVKGIMSGAGTALMGIGSARGEGRSLKAAEI
AINSPLLEASMEGAQGVLMSIAGGSDLGLFEINEAASLVQDAAHPDANIIFGTVIDDSLGDEVRVTVIAAGFDV
;
_entity_poly.pdbx_strand_id   A,B
#
# COMPACT_ATOMS: atom_id res chain seq x y z
N LEU A 8 -10.12 8.60 -5.78
CA LEU A 8 -8.70 8.72 -6.16
C LEU A 8 -8.06 7.35 -6.36
N ALA A 9 -7.48 7.12 -7.53
CA ALA A 9 -6.78 5.88 -7.78
C ALA A 9 -5.58 5.75 -6.85
N VAL A 10 -5.32 4.53 -6.41
CA VAL A 10 -4.21 4.26 -5.51
C VAL A 10 -3.12 3.64 -6.38
N ILE A 11 -1.98 4.29 -6.42
CA ILE A 11 -0.87 3.87 -7.30
C ILE A 11 0.28 3.44 -6.42
N LYS A 12 0.83 2.24 -6.69
CA LYS A 12 2.01 1.78 -5.99
C LYS A 12 3.11 1.54 -7.01
N VAL A 13 4.31 2.02 -6.69
CA VAL A 13 5.52 1.91 -7.53
C VAL A 13 6.48 0.98 -6.83
N VAL A 14 6.74 -0.17 -7.44
CA VAL A 14 7.65 -1.17 -6.91
C VAL A 14 8.98 -1.05 -7.64
N GLY A 15 10.09 -0.95 -6.90
CA GLY A 15 11.41 -1.09 -7.47
C GLY A 15 11.97 -2.40 -6.94
N ILE A 16 12.39 -3.28 -7.85
CA ILE A 16 12.88 -4.59 -7.41
C ILE A 16 14.27 -4.86 -7.99
N GLY A 17 15.20 -5.30 -7.11
CA GLY A 17 16.61 -5.41 -7.44
C GLY A 17 17.30 -4.09 -7.20
N GLY A 18 18.64 -4.13 -7.27
CA GLY A 18 19.43 -2.92 -7.00
C GLY A 18 19.08 -1.77 -7.92
N GLY A 19 18.96 -2.05 -9.22
CA GLY A 19 18.65 -0.98 -10.17
C GLY A 19 17.26 -0.39 -9.94
N GLY A 20 16.27 -1.26 -9.71
CA GLY A 20 14.92 -0.75 -9.45
C GLY A 20 14.82 0.03 -8.14
N VAL A 21 15.54 -0.40 -7.11
CA VAL A 21 15.52 0.35 -5.84
C VAL A 21 16.25 1.69 -6.02
N ASN A 22 17.32 1.72 -6.80
CA ASN A 22 17.99 3.00 -7.06
C ASN A 22 17.09 3.93 -7.86
N ALA A 23 16.34 3.38 -8.81
CA ALA A 23 15.40 4.21 -9.56
C ALA A 23 14.33 4.78 -8.64
N VAL A 24 13.79 3.95 -7.74
CA VAL A 24 12.78 4.44 -6.81
C VAL A 24 13.35 5.53 -5.90
N ASN A 25 14.60 5.37 -5.45
CA ASN A 25 15.22 6.42 -4.63
C ASN A 25 15.31 7.73 -5.41
N ARG A 26 15.64 7.66 -6.70
CA ARG A 26 15.67 8.87 -7.53
C ARG A 26 14.28 9.49 -7.66
N MET A 27 13.25 8.65 -7.86
CA MET A 27 11.88 9.15 -7.92
C MET A 27 11.55 9.94 -6.68
N ILE A 28 11.94 9.40 -5.52
CA ILE A 28 11.64 10.03 -4.23
C ILE A 28 12.42 11.32 -4.09
N GLU A 29 13.69 11.29 -4.46
CA GLU A 29 14.54 12.45 -4.36
C GLU A 29 14.06 13.58 -5.25
N GLN A 30 13.47 13.26 -6.40
CA GLN A 30 12.93 14.27 -7.32
C GLN A 30 11.49 14.65 -7.00
N GLY A 31 10.93 14.13 -5.92
CA GLY A 31 9.61 14.58 -5.48
C GLY A 31 8.46 14.08 -6.30
N LEU A 32 8.55 12.87 -6.85
CA LEU A 32 7.39 12.27 -7.45
C LEU A 32 6.32 12.06 -6.37
N LYS A 33 5.14 12.63 -6.59
CA LYS A 33 4.10 12.62 -5.57
C LYS A 33 2.93 11.73 -5.97
N GLY A 34 2.07 11.46 -4.97
CA GLY A 34 0.83 10.78 -5.24
C GLY A 34 0.89 9.26 -5.35
N VAL A 35 2.04 8.67 -5.07
CA VAL A 35 2.24 7.24 -5.21
C VAL A 35 2.91 6.70 -3.94
N GLU A 36 2.72 5.41 -3.71
CA GLU A 36 3.36 4.70 -2.60
C GLU A 36 4.56 3.96 -3.17
N PHE A 37 5.73 4.13 -2.56
CA PHE A 37 6.96 3.50 -3.07
C PHE A 37 7.29 2.24 -2.30
N ILE A 38 7.56 1.15 -3.02
CA ILE A 38 7.87 -0.14 -2.41
C ILE A 38 9.22 -0.61 -2.97
N ALA A 39 10.17 -0.90 -2.08
CA ALA A 39 11.48 -1.40 -2.46
C ALA A 39 11.59 -2.87 -2.07
N ILE A 40 11.96 -3.72 -3.04
CA ILE A 40 12.13 -5.15 -2.80
C ILE A 40 13.54 -5.49 -3.25
N ASN A 41 14.32 -6.11 -2.36
CA ASN A 41 15.67 -6.48 -2.77
C ASN A 41 16.13 -7.63 -1.89
N THR A 42 17.26 -8.22 -2.29
CA THR A 42 17.87 -9.30 -1.53
C THR A 42 19.00 -8.82 -0.63
N ASP A 43 19.11 -7.51 -0.42
CA ASP A 43 20.22 -6.94 0.34
C ASP A 43 19.68 -5.96 1.37
N ALA A 44 19.71 -6.37 2.64
CA ALA A 44 19.09 -5.56 3.69
C ALA A 44 19.76 -4.20 3.84
N GLN A 45 21.09 -4.14 3.70
CA GLN A 45 21.79 -2.88 3.88
C GLN A 45 21.42 -1.86 2.81
N ALA A 46 21.32 -2.29 1.55
CA ALA A 46 20.82 -1.38 0.52
C ALA A 46 19.43 -0.89 0.88
N LEU A 47 18.59 -1.75 1.44
CA LEU A 47 17.22 -1.34 1.74
C LEU A 47 17.17 -0.37 2.92
N LEU A 48 18.04 -0.56 3.91
CA LEU A 48 18.07 0.38 5.03
C LEU A 48 18.31 1.81 4.55
N MET A 49 19.14 1.98 3.53
CA MET A 49 19.41 3.30 2.98
CA MET A 49 19.40 3.32 3.02
C MET A 49 18.35 3.80 2.01
N SER A 50 17.35 2.99 1.66
CA SER A 50 16.35 3.49 0.74
C SER A 50 15.31 4.28 1.51
N ASP A 51 14.77 5.31 0.87
CA ASP A 51 13.71 6.10 1.46
C ASP A 51 12.30 5.63 1.06
N ALA A 52 12.17 4.43 0.54
CA ALA A 52 10.84 3.96 0.15
C ALA A 52 9.90 3.84 1.34
N ASP A 53 8.58 3.89 1.06
CA ASP A 53 7.55 3.77 2.10
C ASP A 53 7.50 2.38 2.71
N VAL A 54 7.82 1.36 1.90
CA VAL A 54 7.66 -0.04 2.22
C VAL A 54 8.93 -0.70 1.74
N LYS A 55 9.55 -1.54 2.57
CA LYS A 55 10.80 -2.19 2.18
C LYS A 55 10.73 -3.66 2.54
N LEU A 56 10.96 -4.53 1.57
CA LEU A 56 10.85 -5.97 1.78
C LEU A 56 12.15 -6.63 1.37
N ASP A 57 12.82 -7.25 2.33
CA ASP A 57 14.05 -8.00 2.10
C ASP A 57 13.68 -9.45 1.78
N VAL A 58 14.01 -9.93 0.59
CA VAL A 58 13.63 -11.29 0.21
C VAL A 58 14.86 -12.16 -0.01
N GLY A 59 14.61 -13.47 -0.09
CA GLY A 59 15.64 -14.45 -0.41
C GLY A 59 16.73 -14.56 0.64
N ARG A 60 16.37 -14.36 1.91
CA ARG A 60 17.36 -14.33 3.00
C ARG A 60 18.00 -15.69 3.20
N ASP A 61 17.25 -16.77 3.00
CA ASP A 61 17.85 -18.10 3.08
C ASP A 61 18.95 -18.28 2.03
N SER A 62 18.66 -17.94 0.77
CA SER A 62 19.64 -18.08 -0.30
C SER A 62 20.77 -17.06 -0.14
N THR A 63 20.41 -15.78 0.05
CA THR A 63 21.40 -14.72 0.26
C THR A 63 21.96 -14.78 1.68
N ALA A 68 21.17 -11.29 -7.55
CA ALA A 68 21.01 -12.60 -6.92
C ALA A 68 22.20 -13.48 -7.27
N GLY A 69 23.41 -12.99 -7.01
CA GLY A 69 24.56 -13.50 -7.76
C GLY A 69 24.41 -13.22 -9.23
N ALA A 70 23.57 -12.23 -9.55
CA ALA A 70 23.02 -12.00 -10.88
C ALA A 70 22.34 -13.25 -11.43
N ASP A 71 21.85 -14.16 -10.57
CA ASP A 71 21.19 -15.37 -11.04
C ASP A 71 19.68 -15.16 -11.08
N PRO A 72 19.06 -15.00 -12.27
CA PRO A 72 17.61 -14.73 -12.30
C PRO A 72 16.80 -15.84 -11.68
N GLU A 73 17.29 -17.08 -11.68
CA GLU A 73 16.51 -18.16 -11.05
C GLU A 73 16.45 -17.99 -9.55
N VAL A 74 17.54 -17.53 -8.91
CA VAL A 74 17.49 -17.23 -7.49
C VAL A 74 16.53 -16.06 -7.21
N GLY A 75 16.58 -15.01 -8.04
CA GLY A 75 15.64 -13.91 -7.89
C GLY A 75 14.19 -14.34 -8.05
N ARG A 76 13.93 -15.22 -9.01
CA ARG A 76 12.57 -15.70 -9.17
C ARG A 76 12.11 -16.44 -7.93
N LYS A 77 12.95 -17.34 -7.43
CA LYS A 77 12.55 -18.14 -6.28
C LYS A 77 12.39 -17.28 -5.04
N ALA A 78 13.22 -16.23 -4.88
CA ALA A 78 13.09 -15.36 -3.71
C ALA A 78 11.75 -14.63 -3.73
N ALA A 79 11.34 -14.16 -4.93
CA ALA A 79 10.06 -13.46 -5.03
C ALA A 79 8.90 -14.42 -4.86
N GLU A 80 8.98 -15.60 -5.49
CA GLU A 80 7.93 -16.60 -5.32
C GLU A 80 7.78 -17.01 -3.87
N ASP A 81 8.90 -17.18 -3.17
CA ASP A 81 8.84 -17.55 -1.77
C ASP A 81 8.15 -16.48 -0.95
N ALA A 82 8.19 -15.24 -1.40
CA ALA A 82 7.62 -14.12 -0.69
C ALA A 82 6.28 -13.69 -1.29
N LYS A 83 5.66 -14.54 -2.12
CA LYS A 83 4.54 -14.04 -2.93
C LYS A 83 3.36 -13.60 -2.09
N ASP A 84 3.05 -14.32 -1.01
CA ASP A 84 1.87 -13.92 -0.24
C ASP A 84 2.13 -12.60 0.45
N GLU A 85 3.35 -12.39 0.88
CA GLU A 85 3.73 -11.13 1.47
C GLU A 85 3.65 -9.98 0.47
N ILE A 86 4.24 -10.16 -0.71
CA ILE A 86 4.11 -9.16 -1.76
C ILE A 86 2.64 -8.86 -2.04
N GLU A 87 1.79 -9.90 -2.14
CA GLU A 87 0.39 -9.69 -2.46
C GLU A 87 -0.28 -8.85 -1.39
N GLU A 88 0.07 -9.10 -0.13
CA GLU A 88 -0.60 -8.34 0.93
C GLU A 88 -0.15 -6.88 0.88
N LEU A 89 1.07 -6.61 0.39
CA LEU A 89 1.51 -5.23 0.25
C LEU A 89 0.81 -4.53 -0.91
N LEU A 90 0.57 -5.25 -1.99
CA LEU A 90 -0.02 -4.65 -3.20
C LEU A 90 -1.54 -4.50 -3.09
N ARG A 91 -2.23 -5.38 -2.34
CA ARG A 91 -3.68 -5.33 -2.18
C ARG A 91 -4.17 -3.90 -1.98
N GLY A 92 -5.19 -3.51 -2.76
CA GLY A 92 -5.73 -2.18 -2.64
C GLY A 92 -5.30 -1.25 -3.75
N ALA A 93 -4.24 -1.59 -4.47
CA ALA A 93 -3.79 -0.69 -5.53
C ALA A 93 -4.70 -0.79 -6.74
N ASP A 94 -5.01 0.36 -7.35
CA ASP A 94 -5.64 0.37 -8.67
C ASP A 94 -4.61 0.23 -9.79
N MET A 95 -3.38 0.65 -9.51
CA MET A 95 -2.34 0.65 -10.53
C MET A 95 -1.02 0.31 -9.85
N VAL A 96 -0.25 -0.61 -10.46
CA VAL A 96 1.04 -1.00 -9.90
C VAL A 96 2.08 -0.85 -11.01
N PHE A 97 3.15 -0.13 -10.71
CA PHE A 97 4.34 -0.07 -11.58
C PHE A 97 5.35 -1.04 -11.03
N VAL A 98 5.98 -1.80 -11.93
CA VAL A 98 7.06 -2.69 -11.50
C VAL A 98 8.31 -2.19 -12.25
N THR A 99 9.30 -1.68 -11.51
CA THR A 99 10.49 -1.06 -12.14
CA THR A 99 10.47 -1.12 -12.19
C THR A 99 11.74 -1.86 -11.78
N ALA A 100 12.65 -2.02 -12.74
CA ALA A 100 13.85 -2.82 -12.50
C ALA A 100 14.83 -2.49 -13.61
N GLY A 101 16.11 -2.75 -13.32
CA GLY A 101 17.10 -2.81 -14.40
C GLY A 101 17.21 -4.26 -14.79
N GLU A 102 16.82 -4.63 -16.00
CA GLU A 102 16.92 -6.03 -16.41
C GLU A 102 18.35 -6.45 -16.63
N GLY A 103 18.63 -7.73 -16.38
CA GLY A 103 19.93 -8.31 -16.65
C GLY A 103 20.63 -8.84 -15.43
N GLY A 104 20.23 -8.41 -14.22
CA GLY A 104 20.74 -8.97 -12.98
C GLY A 104 19.91 -10.17 -12.56
N GLY A 105 19.93 -10.48 -11.28
CA GLY A 105 19.22 -11.65 -10.80
C GLY A 105 17.90 -11.31 -10.11
N THR A 106 17.94 -10.38 -9.16
CA THR A 106 16.75 -10.09 -8.35
C THR A 106 15.65 -9.42 -9.16
N GLY A 107 16.01 -8.39 -9.93
CA GLY A 107 14.99 -7.72 -10.76
C GLY A 107 14.56 -8.61 -11.92
N THR A 108 15.53 -9.16 -12.67
CA THR A 108 15.19 -10.00 -13.81
C THR A 108 14.22 -11.12 -13.40
N GLY A 109 14.57 -11.84 -12.34
CA GLY A 109 13.80 -13.02 -11.94
C GLY A 109 12.55 -12.68 -11.15
N GLY A 110 12.62 -11.61 -10.34
CA GLY A 110 11.53 -11.26 -9.46
C GLY A 110 10.45 -10.36 -10.06
N ALA A 111 10.80 -9.50 -11.04
CA ALA A 111 9.81 -8.59 -11.56
C ALA A 111 8.58 -9.31 -12.12
N PRO A 112 8.69 -10.42 -12.84
CA PRO A 112 7.47 -11.07 -13.36
C PRO A 112 6.58 -11.58 -12.26
N VAL A 113 7.16 -11.98 -11.13
CA VAL A 113 6.36 -12.43 -9.99
C VAL A 113 5.52 -11.28 -9.44
N VAL A 114 6.16 -10.13 -9.21
CA VAL A 114 5.46 -8.97 -8.70
C VAL A 114 4.35 -8.56 -9.66
N ALA A 115 4.67 -8.48 -10.95
CA ALA A 115 3.68 -8.05 -11.93
C ALA A 115 2.52 -9.04 -12.00
N SER A 116 2.82 -10.33 -11.98
CA SER A 116 1.75 -11.33 -12.05
CA SER A 116 1.77 -11.35 -12.04
C SER A 116 0.82 -11.24 -10.85
N ILE A 117 1.35 -10.88 -9.67
CA ILE A 117 0.50 -10.68 -8.49
C ILE A 117 -0.39 -9.49 -8.71
N ALA A 118 0.19 -8.36 -9.17
CA ALA A 118 -0.62 -7.20 -9.48
C ALA A 118 -1.66 -7.53 -10.55
N ARG A 119 -1.31 -8.28 -11.60
CA ARG A 119 -2.28 -8.55 -12.66
CA ARG A 119 -2.25 -8.59 -12.66
C ARG A 119 -3.32 -9.57 -12.19
N LYS A 120 -2.95 -10.50 -11.32
CA LYS A 120 -3.94 -11.41 -10.72
C LYS A 120 -4.95 -10.61 -9.93
N LEU A 121 -4.48 -9.65 -9.15
CA LEU A 121 -5.38 -8.80 -8.42
C LEU A 121 -6.20 -7.88 -9.32
N GLY A 122 -5.87 -7.76 -10.61
CA GLY A 122 -6.63 -6.88 -11.46
C GLY A 122 -6.18 -5.43 -11.47
N ALA A 123 -5.09 -5.08 -10.74
CA ALA A 123 -4.52 -3.74 -10.84
C ALA A 123 -4.00 -3.53 -12.25
N LEU A 124 -4.11 -2.30 -12.73
CA LEU A 124 -3.48 -1.95 -14.01
C LEU A 124 -1.98 -2.05 -13.78
N THR A 125 -1.32 -2.94 -14.50
CA THR A 125 0.03 -3.36 -14.16
C THR A 125 0.97 -2.86 -15.25
N VAL A 126 1.82 -1.91 -14.91
CA VAL A 126 2.75 -1.32 -15.90
C VAL A 126 4.18 -1.65 -15.48
N GLY A 127 4.89 -2.36 -16.35
CA GLY A 127 6.33 -2.56 -16.15
C GLY A 127 7.09 -1.42 -16.77
N VAL A 128 8.14 -0.98 -16.09
CA VAL A 128 9.04 0.03 -16.67
C VAL A 128 10.44 -0.47 -16.37
N VAL A 129 11.15 -0.94 -17.40
CA VAL A 129 12.43 -1.58 -17.15
C VAL A 129 13.44 -1.10 -18.18
N THR A 130 14.71 -1.19 -17.82
CA THR A 130 15.80 -0.95 -18.76
C THR A 130 16.37 -2.25 -19.28
N ARG A 131 16.76 -2.23 -20.56
CA ARG A 131 17.70 -3.22 -21.06
C ARG A 131 19.10 -2.73 -20.75
N PRO A 132 20.03 -3.62 -20.42
CA PRO A 132 21.35 -3.19 -19.98
C PRO A 132 22.16 -2.64 -21.15
N PHE A 133 23.18 -1.85 -20.80
CA PHE A 133 24.13 -1.39 -21.80
C PHE A 133 24.85 -2.58 -22.40
N SER A 134 25.15 -2.48 -23.68
CA SER A 134 25.94 -3.54 -24.31
C SER A 134 27.28 -3.77 -23.62
N PHE A 135 27.90 -2.73 -23.07
CA PHE A 135 29.18 -2.98 -22.44
C PHE A 135 29.08 -3.83 -21.20
N GLU A 136 27.87 -4.10 -20.68
CA GLU A 136 27.73 -4.95 -19.52
C GLU A 136 27.89 -6.44 -19.84
N GLY A 137 27.99 -6.81 -21.10
CA GLY A 137 28.29 -8.20 -21.40
C GLY A 137 27.06 -8.97 -21.86
N LYS A 138 27.33 -10.08 -22.56
CA LYS A 138 26.25 -10.80 -23.27
C LYS A 138 25.38 -11.57 -22.29
N ARG A 139 25.98 -12.11 -21.22
CA ARG A 139 25.18 -12.83 -20.22
C ARG A 139 24.09 -11.92 -19.66
N ARG A 140 24.44 -10.69 -19.29
CA ARG A 140 23.40 -9.78 -18.81
C ARG A 140 22.37 -9.46 -19.90
N SER A 141 22.81 -9.27 -21.13
CA SER A 141 21.87 -9.01 -22.21
CA SER A 141 21.86 -9.02 -22.21
C SER A 141 20.92 -10.20 -22.39
N ASN A 142 21.48 -11.41 -22.41
CA ASN A 142 20.62 -12.60 -22.57
C ASN A 142 19.65 -12.73 -21.40
N GLN A 143 20.14 -12.51 -20.19
CA GLN A 143 19.25 -12.58 -19.03
C GLN A 143 18.16 -11.54 -19.11
N ALA A 144 18.52 -10.33 -19.56
CA ALA A 144 17.51 -9.28 -19.69
C ALA A 144 16.50 -9.66 -20.74
N GLU A 145 16.95 -10.25 -21.85
CA GLU A 145 15.99 -10.65 -22.87
C GLU A 145 14.98 -11.64 -22.31
N ASN A 146 15.47 -12.65 -21.59
CA ASN A 146 14.57 -13.63 -21.00
C ASN A 146 13.65 -12.99 -19.96
N GLY A 147 14.20 -12.09 -19.14
CA GLY A 147 13.37 -11.44 -18.12
C GLY A 147 12.30 -10.55 -18.72
N ILE A 148 12.62 -9.88 -19.83
CA ILE A 148 11.64 -9.03 -20.49
C ILE A 148 10.53 -9.88 -21.08
N ALA A 149 10.90 -10.99 -21.70
CA ALA A 149 9.88 -11.89 -22.24
C ALA A 149 8.95 -12.38 -21.14
N ALA A 150 9.50 -12.73 -19.98
CA ALA A 150 8.67 -13.18 -18.87
C ALA A 150 7.80 -12.05 -18.34
N LEU A 151 8.38 -10.85 -18.19
CA LEU A 151 7.63 -9.74 -17.63
C LEU A 151 6.50 -9.31 -18.55
N ARG A 152 6.73 -9.39 -19.87
CA ARG A 152 5.73 -8.93 -20.82
C ARG A 152 4.42 -9.70 -20.65
N GLU A 153 4.51 -10.98 -20.30
CA GLU A 153 3.32 -11.82 -20.16
C GLU A 153 2.48 -11.46 -18.95
N SER A 154 3.08 -10.79 -17.96
CA SER A 154 2.45 -10.46 -16.69
C SER A 154 2.07 -8.99 -16.58
N CYS A 155 2.44 -8.14 -17.55
CA CYS A 155 2.11 -6.74 -17.47
C CYS A 155 0.96 -6.43 -18.43
N ASP A 156 0.13 -5.44 -18.07
CA ASP A 156 -0.74 -4.83 -19.09
C ASP A 156 0.08 -4.15 -20.17
N THR A 157 0.98 -3.24 -19.77
CA THR A 157 1.92 -2.58 -20.65
C THR A 157 3.30 -2.78 -20.04
N LEU A 158 4.29 -3.11 -20.87
CA LEU A 158 5.68 -3.20 -20.41
C LEU A 158 6.49 -2.21 -21.24
N ILE A 159 6.91 -1.12 -20.60
CA ILE A 159 7.75 -0.11 -21.23
C ILE A 159 9.19 -0.57 -21.09
N VAL A 160 9.89 -0.73 -22.20
CA VAL A 160 11.26 -1.16 -22.15
C VAL A 160 12.13 -0.01 -22.64
N ILE A 161 13.10 0.39 -21.84
CA ILE A 161 14.00 1.50 -22.17
C ILE A 161 15.34 0.90 -22.56
N PRO A 162 15.81 1.08 -23.80
CA PRO A 162 17.13 0.55 -24.18
C PRO A 162 18.24 1.46 -23.68
N ASN A 163 19.00 0.98 -22.69
CA ASN A 163 20.04 1.87 -22.14
C ASN A 163 21.03 2.29 -23.20
N ASP A 164 21.29 1.43 -24.18
CA ASP A 164 22.20 1.80 -25.25
C ASP A 164 21.81 3.13 -25.88
N ARG A 165 20.51 3.37 -26.04
CA ARG A 165 20.10 4.60 -26.70
CA ARG A 165 20.08 4.61 -26.69
C ARG A 165 20.22 5.82 -25.79
N LEU A 166 20.28 5.64 -24.47
CA LEU A 166 20.59 6.78 -23.61
C LEU A 166 21.90 7.44 -23.96
N LEU A 167 22.87 6.66 -24.44
CA LEU A 167 24.18 7.24 -24.71
C LEU A 167 24.19 8.12 -25.95
N GLN A 168 23.18 8.02 -26.80
CA GLN A 168 23.00 9.01 -27.86
C GLN A 168 22.46 10.34 -27.34
N MET A 169 21.89 10.36 -26.14
CA MET A 169 21.32 11.56 -25.55
C MET A 169 22.29 12.12 -24.52
N GLY A 170 21.94 13.25 -23.92
CA GLY A 170 22.80 13.83 -22.89
C GLY A 170 24.22 14.12 -23.38
N ASP A 171 25.17 14.03 -22.44
CA ASP A 171 26.53 14.50 -22.63
C ASP A 171 27.47 13.37 -23.05
N ALA A 172 28.42 13.67 -23.94
CA ALA A 172 29.34 12.67 -24.47
C ALA A 172 30.54 12.40 -23.56
N ALA A 173 30.78 13.23 -22.56
CA ALA A 173 31.81 12.97 -21.55
C ALA A 173 31.25 12.25 -20.30
N VAL A 174 30.11 11.55 -20.45
CA VAL A 174 29.50 10.87 -19.33
CA VAL A 174 29.49 10.85 -19.33
C VAL A 174 30.41 9.76 -18.81
N SER A 175 30.42 9.57 -17.48
CA SER A 175 31.07 8.42 -16.85
C SER A 175 30.09 7.25 -16.69
N LEU A 176 30.60 6.11 -16.21
CA LEU A 176 29.77 4.94 -15.96
C LEU A 176 28.71 5.25 -14.91
N MET A 177 29.12 5.89 -13.82
CA MET A 177 28.16 6.24 -12.78
C MET A 177 27.13 7.25 -13.29
N ASP A 178 27.58 8.21 -14.12
CA ASP A 178 26.69 9.13 -14.82
C ASP A 178 25.67 8.38 -15.66
N ALA A 179 26.14 7.38 -16.42
CA ALA A 179 25.26 6.64 -17.32
C ALA A 179 24.14 5.96 -16.52
N PHE A 180 24.49 5.36 -15.39
CA PHE A 180 23.45 4.69 -14.64
C PHE A 180 22.53 5.69 -13.94
N ARG A 181 23.01 6.86 -13.54
CA ARG A 181 22.08 7.86 -13.04
C ARG A 181 21.12 8.33 -14.13
N SER A 182 21.55 8.40 -15.39
CA SER A 182 20.62 8.76 -16.45
CA SER A 182 20.62 8.76 -16.45
C SER A 182 19.57 7.67 -16.65
N ALA A 183 19.96 6.42 -16.45
CA ALA A 183 19.02 5.31 -16.47
C ALA A 183 18.00 5.46 -15.33
N ASP A 184 18.47 5.77 -14.13
CA ASP A 184 17.54 6.04 -13.04
C ASP A 184 16.56 7.12 -13.46
N GLU A 185 17.07 8.19 -14.07
CA GLU A 185 16.23 9.33 -14.41
C GLU A 185 15.18 8.94 -15.46
N VAL A 186 15.54 8.12 -16.45
CA VAL A 186 14.57 7.78 -17.49
CA VAL A 186 14.55 7.81 -17.47
C VAL A 186 13.51 6.84 -16.95
N LEU A 187 13.86 5.98 -15.99
CA LEU A 187 12.83 5.17 -15.34
C LEU A 187 11.87 6.06 -14.58
N LEU A 188 12.40 7.05 -13.87
CA LEU A 188 11.52 8.05 -13.25
C LEU A 188 10.62 8.71 -14.30
N ASN A 189 11.22 9.13 -15.42
CA ASN A 189 10.46 9.84 -16.46
C ASN A 189 9.30 8.99 -16.95
N GLY A 190 9.54 7.69 -17.09
CA GLY A 190 8.52 6.78 -17.58
C GLY A 190 7.38 6.65 -16.59
N VAL A 191 7.70 6.55 -15.30
CA VAL A 191 6.65 6.45 -14.30
C VAL A 191 5.89 7.77 -14.18
N GLN A 192 6.63 8.85 -13.94
CA GLN A 192 6.03 10.14 -13.63
C GLN A 192 5.23 10.68 -14.82
N GLY A 193 5.69 10.40 -16.04
CA GLY A 193 4.97 10.88 -17.19
C GLY A 193 3.57 10.32 -17.26
N ILE A 194 3.34 9.16 -16.64
CA ILE A 194 2.01 8.55 -16.57
C ILE A 194 1.30 8.93 -15.27
N THR A 195 1.98 8.77 -14.15
CA THR A 195 1.26 8.97 -12.89
C THR A 195 0.84 10.41 -12.66
N ASP A 196 1.66 11.37 -13.11
CA ASP A 196 1.28 12.77 -12.90
C ASP A 196 0.00 13.11 -13.65
N LEU A 197 -0.31 12.40 -14.74
CA LEU A 197 -1.60 12.65 -15.42
C LEU A 197 -2.75 12.42 -14.45
N ILE A 198 -2.61 11.42 -13.60
CA ILE A 198 -3.65 11.02 -12.67
C ILE A 198 -3.59 11.85 -11.40
N THR A 199 -2.39 12.11 -10.90
CA THR A 199 -2.26 12.72 -9.57
C THR A 199 -2.27 14.22 -9.61
N THR A 200 -1.89 14.82 -10.73
CA THR A 200 -1.79 16.27 -10.73
C THR A 200 -2.17 16.79 -12.13
N PRO A 201 -3.40 16.54 -12.55
CA PRO A 201 -3.80 16.91 -13.92
C PRO A 201 -3.87 18.41 -14.10
N GLY A 202 -3.53 18.85 -15.29
CA GLY A 202 -3.71 20.23 -15.69
C GLY A 202 -5.01 20.47 -16.45
N LEU A 203 -4.93 21.32 -17.47
CA LEU A 203 -6.08 21.75 -18.26
C LEU A 203 -6.77 20.58 -18.93
N ILE A 204 -5.99 19.60 -19.39
CA ILE A 204 -6.56 18.44 -20.07
C ILE A 204 -6.42 17.26 -19.11
N ASN A 205 -7.51 16.92 -18.46
CA ASN A 205 -7.55 15.91 -17.43
C ASN A 205 -7.72 14.55 -18.08
N VAL A 206 -6.71 13.71 -17.97
CA VAL A 206 -6.76 12.33 -18.40
C VAL A 206 -6.71 11.54 -17.10
N ASP A 207 -7.85 11.01 -16.70
CA ASP A 207 -7.96 10.37 -15.41
C ASP A 207 -7.67 8.88 -15.52
N PHE A 208 -7.83 8.18 -14.39
CA PHE A 208 -7.42 6.78 -14.34
C PHE A 208 -8.16 5.93 -15.36
N ALA A 209 -9.48 6.11 -15.50
CA ALA A 209 -10.22 5.21 -16.37
C ALA A 209 -9.75 5.32 -17.83
N ASP A 210 -9.28 6.52 -18.22
CA ASP A 210 -8.75 6.75 -19.57
C ASP A 210 -7.42 6.03 -19.76
N VAL A 211 -6.53 6.21 -18.79
CA VAL A 211 -5.24 5.55 -18.84
C VAL A 211 -5.44 4.04 -18.90
N LYS A 212 -6.32 3.51 -18.04
CA LYS A 212 -6.59 2.08 -18.01
C LYS A 212 -7.13 1.61 -19.35
N GLY A 213 -7.98 2.43 -19.98
CA GLY A 213 -8.49 2.09 -21.29
C GLY A 213 -7.42 1.89 -22.34
N ILE A 214 -6.38 2.73 -22.35
CA ILE A 214 -5.37 2.59 -23.39
C ILE A 214 -4.21 1.67 -22.99
N MET A 215 -3.93 1.55 -21.69
CA MET A 215 -2.79 0.70 -21.31
C MET A 215 -3.15 -0.74 -21.03
N SER A 216 -4.43 -1.06 -20.82
CA SER A 216 -4.82 -2.43 -20.51
C SER A 216 -4.55 -3.35 -21.68
N GLY A 217 -3.86 -4.46 -21.41
CA GLY A 217 -3.53 -5.44 -22.43
C GLY A 217 -2.75 -4.91 -23.62
N ALA A 218 -2.02 -3.81 -23.48
CA ALA A 218 -1.38 -3.20 -24.65
C ALA A 218 -0.10 -3.91 -25.06
N GLY A 219 0.59 -4.58 -24.12
CA GLY A 219 1.80 -5.29 -24.47
C GLY A 219 3.06 -4.45 -24.38
N THR A 220 4.04 -4.76 -25.20
CA THR A 220 5.34 -4.09 -25.11
CA THR A 220 5.33 -4.07 -25.10
C THR A 220 5.23 -2.66 -25.64
N ALA A 221 5.99 -1.75 -25.02
CA ALA A 221 5.91 -0.33 -25.35
C ALA A 221 7.30 0.26 -25.29
N LEU A 222 7.44 1.41 -25.95
CA LEU A 222 8.65 2.20 -25.91
C LEU A 222 8.25 3.58 -25.42
N MET A 223 9.23 4.35 -24.97
CA MET A 223 8.94 5.69 -24.49
CA MET A 223 8.96 5.69 -24.46
C MET A 223 9.86 6.69 -25.16
N GLY A 224 9.35 7.92 -25.29
CA GLY A 224 10.19 9.04 -25.71
C GLY A 224 9.95 10.22 -24.78
N ILE A 225 11.00 11.03 -24.60
CA ILE A 225 10.91 12.18 -23.72
C ILE A 225 11.54 13.38 -24.38
N GLY A 226 10.94 14.56 -24.15
CA GLY A 226 11.48 15.80 -24.66
C GLY A 226 11.19 16.93 -23.71
N SER A 227 12.14 17.87 -23.60
CA SER A 227 12.01 19.04 -22.75
C SER A 227 12.48 20.26 -23.52
N ALA A 228 11.80 21.39 -23.30
CA ALA A 228 12.21 22.63 -23.96
C ALA A 228 11.68 23.80 -23.16
N ARG A 229 12.28 24.96 -23.40
CA ARG A 229 11.92 26.22 -22.75
C ARG A 229 11.83 27.29 -23.81
N GLY A 230 11.23 28.43 -23.43
CA GLY A 230 11.24 29.55 -24.31
C GLY A 230 10.25 29.45 -25.46
N GLU A 231 10.50 30.29 -26.45
CA GLU A 231 9.66 30.39 -27.63
C GLU A 231 9.48 29.02 -28.23
N GLY A 232 8.22 28.69 -28.58
CA GLY A 232 7.89 27.40 -29.17
C GLY A 232 8.31 26.19 -28.36
N ARG A 233 8.34 26.31 -27.02
CA ARG A 233 8.81 25.22 -26.16
C ARG A 233 7.98 23.94 -26.34
N SER A 234 6.67 24.07 -26.53
CA SER A 234 5.85 22.85 -26.55
CA SER A 234 5.83 22.86 -26.56
C SER A 234 6.06 22.08 -27.84
N LEU A 235 6.21 22.78 -28.98
CA LEU A 235 6.52 22.12 -30.23
C LEU A 235 7.88 21.46 -30.18
N LYS A 236 8.87 22.17 -29.61
CA LYS A 236 10.20 21.61 -29.54
C LYS A 236 10.24 20.37 -28.64
N ALA A 237 9.58 20.43 -27.47
CA ALA A 237 9.57 19.28 -26.57
C ALA A 237 8.86 18.09 -27.22
N ALA A 238 7.77 18.36 -27.96
CA ALA A 238 7.08 17.24 -28.62
C ALA A 238 7.93 16.64 -29.74
N GLU A 239 8.61 17.47 -30.54
CA GLU A 239 9.44 16.93 -31.59
C GLU A 239 10.61 16.11 -31.04
N ILE A 240 11.23 16.57 -29.96
CA ILE A 240 12.29 15.79 -29.32
C ILE A 240 11.74 14.45 -28.84
N ALA A 241 10.59 14.48 -28.14
CA ALA A 241 10.01 13.26 -27.63
C ALA A 241 9.74 12.25 -28.74
N ILE A 242 9.08 12.68 -29.84
CA ILE A 242 8.71 11.66 -30.82
C ILE A 242 9.88 11.21 -31.66
N ASN A 243 10.98 11.94 -31.62
CA ASN A 243 12.18 11.49 -32.32
C ASN A 243 13.19 10.88 -31.37
N SER A 244 12.81 10.67 -30.13
CA SER A 244 13.73 10.20 -29.11
C SER A 244 14.43 8.91 -29.56
N PRO A 245 15.74 8.78 -29.33
CA PRO A 245 16.39 7.49 -29.62
C PRO A 245 15.79 6.34 -28.83
N LEU A 246 15.14 6.62 -27.69
CA LEU A 246 14.51 5.55 -26.92
C LEU A 246 13.31 4.94 -27.64
N LEU A 247 12.71 5.64 -28.61
CA LEU A 247 11.61 5.10 -29.39
C LEU A 247 12.05 4.28 -30.60
N GLU A 248 13.36 4.15 -30.82
CA GLU A 248 13.90 3.21 -31.82
C GLU A 248 13.31 3.43 -33.21
N ALA A 249 13.17 4.71 -33.58
CA ALA A 249 12.65 5.15 -34.88
C ALA A 249 11.33 4.47 -35.19
N SER A 250 10.53 4.19 -34.16
CA SER A 250 9.32 3.39 -34.32
C SER A 250 8.04 4.13 -33.96
N MET A 251 8.12 5.42 -33.65
CA MET A 251 6.92 6.15 -33.23
CA MET A 251 6.93 6.17 -33.25
C MET A 251 5.82 6.06 -34.28
N GLU A 252 6.17 6.26 -35.56
CA GLU A 252 5.14 6.25 -36.59
C GLU A 252 4.52 4.88 -36.85
N GLY A 253 5.09 3.79 -36.30
CA GLY A 253 4.41 2.51 -36.40
C GLY A 253 3.46 2.20 -35.28
N ALA A 254 3.43 3.05 -34.24
CA ALA A 254 2.67 2.72 -33.06
C ALA A 254 1.22 3.06 -33.27
N GLN A 255 0.36 2.12 -32.92
CA GLN A 255 -1.07 2.32 -33.02
C GLN A 255 -1.72 2.67 -31.70
N GLY A 256 -0.96 2.68 -30.60
CA GLY A 256 -1.50 3.17 -29.33
C GLY A 256 -0.49 4.13 -28.74
N VAL A 257 -0.89 5.38 -28.44
CA VAL A 257 0.06 6.38 -27.94
C VAL A 257 -0.59 7.14 -26.81
N LEU A 258 0.13 7.26 -25.70
CA LEU A 258 -0.32 8.10 -24.59
C LEU A 258 0.72 9.20 -24.45
N MET A 259 0.28 10.45 -24.53
CA MET A 259 1.23 11.56 -24.44
C MET A 259 0.86 12.48 -23.28
N SER A 260 1.83 12.82 -22.44
CA SER A 260 1.64 13.74 -21.34
CA SER A 260 1.59 13.77 -21.37
C SER A 260 2.48 14.99 -21.59
N ILE A 261 1.88 16.15 -21.36
CA ILE A 261 2.56 17.44 -21.53
C ILE A 261 2.51 18.12 -20.18
N ALA A 262 3.68 18.37 -19.59
CA ALA A 262 3.71 18.97 -18.26
C ALA A 262 4.28 20.38 -18.36
N GLY A 263 3.72 21.30 -17.57
CA GLY A 263 4.25 22.65 -17.52
C GLY A 263 3.65 23.34 -16.32
N GLY A 264 4.04 24.61 -16.13
CA GLY A 264 3.44 25.41 -15.09
C GLY A 264 2.11 25.98 -15.53
N SER A 265 1.52 26.81 -14.66
CA SER A 265 0.23 27.42 -14.94
CA SER A 265 0.23 27.41 -14.95
C SER A 265 0.29 28.37 -16.13
N ASP A 266 1.47 28.79 -16.55
CA ASP A 266 1.59 29.67 -17.70
C ASP A 266 1.47 28.93 -19.03
N LEU A 267 1.44 27.59 -19.01
CA LEU A 267 1.34 26.80 -20.24
C LEU A 267 -0.12 26.80 -20.71
N GLY A 268 -0.38 27.46 -21.83
CA GLY A 268 -1.74 27.63 -22.29
C GLY A 268 -2.21 26.53 -23.24
N LEU A 269 -3.54 26.51 -23.42
CA LEU A 269 -4.16 25.48 -24.26
C LEU A 269 -3.68 25.57 -25.70
N PHE A 270 -3.45 26.77 -26.22
CA PHE A 270 -2.90 26.88 -27.57
C PHE A 270 -1.57 26.14 -27.69
N GLU A 271 -0.66 26.33 -26.72
CA GLU A 271 0.63 25.64 -26.82
C GLU A 271 0.47 24.13 -26.71
N ILE A 272 -0.38 23.70 -25.78
CA ILE A 272 -0.65 22.27 -25.59
C ILE A 272 -1.18 21.68 -26.90
N ASN A 273 -2.12 22.40 -27.51
CA ASN A 273 -2.78 21.88 -28.70
C ASN A 273 -1.82 21.81 -29.88
N GLU A 274 -0.93 22.80 -30.05
CA GLU A 274 -0.01 22.71 -31.17
C GLU A 274 0.95 21.53 -31.01
N ALA A 275 1.32 21.21 -29.76
CA ALA A 275 2.10 20.00 -29.52
C ALA A 275 1.31 18.76 -29.93
N ALA A 276 0.03 18.72 -29.56
CA ALA A 276 -0.78 17.57 -29.93
C ALA A 276 -0.90 17.46 -31.45
N SER A 277 -1.07 18.59 -32.14
CA SER A 277 -1.19 18.58 -33.59
C SER A 277 0.09 18.05 -34.23
N LEU A 278 1.25 18.53 -33.78
CA LEU A 278 2.53 18.02 -34.29
C LEU A 278 2.60 16.52 -34.15
N VAL A 279 2.18 15.98 -33.00
CA VAL A 279 2.31 14.55 -32.73
C VAL A 279 1.30 13.76 -33.56
N GLN A 280 0.07 14.27 -33.70
CA GLN A 280 -0.89 13.61 -34.58
C GLN A 280 -0.37 13.52 -36.01
N ASP A 281 0.24 14.60 -36.51
CA ASP A 281 0.73 14.61 -37.89
C ASP A 281 1.81 13.55 -38.08
N ALA A 282 2.55 13.24 -37.02
CA ALA A 282 3.65 12.29 -37.13
C ALA A 282 3.24 10.86 -36.86
N ALA A 283 2.08 10.63 -36.28
CA ALA A 283 1.71 9.31 -35.81
C ALA A 283 1.17 8.43 -36.94
N HIS A 284 1.10 7.14 -36.63
CA HIS A 284 0.49 6.17 -37.53
C HIS A 284 -0.89 6.67 -37.93
N PRO A 285 -1.31 6.50 -39.19
CA PRO A 285 -2.62 7.04 -39.61
C PRO A 285 -3.78 6.53 -38.79
N ASP A 286 -3.70 5.32 -38.26
CA ASP A 286 -4.78 4.74 -37.47
C ASP A 286 -4.50 4.73 -35.98
N ALA A 287 -3.56 5.54 -35.52
CA ALA A 287 -3.21 5.49 -34.11
C ALA A 287 -4.35 6.02 -33.24
N ASN A 288 -4.59 5.32 -32.14
CA ASN A 288 -5.33 5.86 -30.99
C ASN A 288 -4.37 6.64 -30.11
N ILE A 289 -4.57 7.96 -30.00
CA ILE A 289 -3.66 8.81 -29.22
C ILE A 289 -4.46 9.56 -28.19
N ILE A 290 -4.05 9.45 -26.93
CA ILE A 290 -4.67 10.19 -25.84
C ILE A 290 -3.66 11.25 -25.40
N PHE A 291 -4.11 12.51 -25.31
CA PHE A 291 -3.30 13.61 -24.85
C PHE A 291 -3.80 14.05 -23.49
N GLY A 292 -2.87 14.25 -22.55
CA GLY A 292 -3.23 14.76 -21.23
C GLY A 292 -2.17 15.74 -20.79
N THR A 293 -2.53 16.60 -19.83
CA THR A 293 -1.55 17.56 -19.32
C THR A 293 -1.41 17.44 -17.82
N VAL A 294 -0.31 17.99 -17.34
CA VAL A 294 0.13 17.92 -15.94
C VAL A 294 0.50 19.33 -15.51
N ILE A 295 0.00 19.75 -14.34
CA ILE A 295 0.36 21.05 -13.80
C ILE A 295 1.50 20.80 -12.82
N ASP A 296 2.63 21.47 -13.06
CA ASP A 296 3.81 21.39 -12.21
C ASP A 296 4.48 22.77 -12.24
N ASP A 297 4.19 23.59 -11.23
CA ASP A 297 4.73 24.95 -11.24
C ASP A 297 6.21 24.98 -10.93
N SER A 298 6.75 23.89 -10.40
CA SER A 298 8.18 23.79 -10.20
C SER A 298 8.94 23.76 -11.51
N LEU A 299 8.26 23.54 -12.63
CA LEU A 299 8.98 23.50 -13.90
C LEU A 299 9.39 24.86 -14.41
N GLY A 300 8.85 25.94 -13.84
CA GLY A 300 9.22 27.26 -14.34
C GLY A 300 8.69 27.44 -15.74
N ASP A 301 9.56 27.71 -16.70
CA ASP A 301 9.11 27.87 -18.08
C ASP A 301 9.49 26.66 -18.94
N GLU A 302 9.78 25.55 -18.29
CA GLU A 302 10.03 24.31 -19.01
C GLU A 302 8.73 23.59 -19.30
N VAL A 303 8.67 22.96 -20.47
CA VAL A 303 7.61 22.02 -20.77
CA VAL A 303 7.60 22.02 -20.84
C VAL A 303 8.25 20.66 -21.03
N ARG A 304 7.67 19.61 -20.43
CA ARG A 304 8.20 18.25 -20.53
C ARG A 304 7.14 17.40 -21.23
N VAL A 305 7.51 16.76 -22.34
CA VAL A 305 6.59 15.88 -23.07
C VAL A 305 7.08 14.46 -22.93
N THR A 306 6.16 13.55 -22.58
CA THR A 306 6.48 12.13 -22.48
C THR A 306 5.52 11.42 -23.42
N VAL A 307 6.05 10.52 -24.26
CA VAL A 307 5.24 9.71 -25.18
CA VAL A 307 5.19 9.71 -25.11
C VAL A 307 5.46 8.25 -24.83
N ILE A 308 4.39 7.51 -24.66
CA ILE A 308 4.43 6.05 -24.51
C ILE A 308 3.77 5.45 -25.74
N ALA A 309 4.48 4.57 -26.44
CA ALA A 309 4.04 4.07 -27.75
C ALA A 309 3.92 2.57 -27.69
N ALA A 310 2.78 2.03 -28.13
CA ALA A 310 2.57 0.58 -28.10
C ALA A 310 1.84 0.15 -29.36
N GLY A 311 1.58 -1.16 -29.50
CA GLY A 311 0.80 -1.66 -30.63
C GLY A 311 1.46 -1.37 -31.97
N PHE A 312 2.71 -1.81 -32.12
CA PHE A 312 3.46 -1.55 -33.34
C PHE A 312 3.01 -2.46 -34.50
N TYR B 7 1.82 4.89 35.92
CA TYR B 7 0.41 4.90 36.33
C TYR B 7 -0.56 4.90 35.14
N LEU B 8 -0.23 5.66 34.08
CA LEU B 8 -1.01 5.61 32.84
C LEU B 8 -0.92 4.21 32.23
N ALA B 9 -2.02 3.76 31.62
CA ALA B 9 -2.05 2.48 30.91
C ALA B 9 -0.92 2.42 29.90
N VAL B 10 -0.08 1.38 30.00
CA VAL B 10 0.96 1.12 29.00
C VAL B 10 0.36 0.15 27.97
N ILE B 11 0.21 0.61 26.73
CA ILE B 11 -0.41 -0.19 25.66
C ILE B 11 0.66 -0.49 24.62
N LYS B 12 0.87 -1.78 24.36
CA LYS B 12 1.80 -2.21 23.33
C LYS B 12 0.98 -2.86 22.22
N VAL B 13 1.26 -2.50 20.97
CA VAL B 13 0.56 -3.04 19.80
C VAL B 13 1.57 -3.87 19.02
N VAL B 14 1.34 -5.18 18.96
CA VAL B 14 2.26 -6.13 18.35
C VAL B 14 1.69 -6.51 16.99
N GLY B 15 2.48 -6.26 15.94
CA GLY B 15 2.20 -6.81 14.62
C GLY B 15 3.17 -7.94 14.37
N ILE B 16 2.61 -9.13 14.03
CA ILE B 16 3.47 -10.30 13.84
C ILE B 16 3.24 -10.89 12.45
N GLY B 17 4.33 -11.26 11.78
CA GLY B 17 4.28 -11.73 10.41
C GLY B 17 4.08 -10.56 9.46
N GLY B 18 4.15 -10.87 8.16
CA GLY B 18 4.11 -9.81 7.17
C GLY B 18 2.85 -8.97 7.26
N GLY B 19 1.69 -9.62 7.35
CA GLY B 19 0.46 -8.87 7.49
C GLY B 19 0.41 -8.01 8.75
N GLY B 20 0.95 -8.53 9.86
CA GLY B 20 0.84 -7.79 11.11
C GLY B 20 1.80 -6.61 11.14
N VAL B 21 3.03 -6.84 10.67
CA VAL B 21 3.99 -5.74 10.57
C VAL B 21 3.48 -4.67 9.63
N ASN B 22 2.91 -5.08 8.49
CA ASN B 22 2.35 -4.08 7.56
C ASN B 22 1.22 -3.28 8.22
N ALA B 23 0.39 -3.93 9.02
CA ALA B 23 -0.66 -3.21 9.73
C ALA B 23 -0.08 -2.19 10.70
N VAL B 24 0.94 -2.60 11.44
CA VAL B 24 1.61 -1.69 12.37
C VAL B 24 2.24 -0.53 11.61
N ASN B 25 2.85 -0.82 10.45
CA ASN B 25 3.42 0.26 9.64
C ASN B 25 2.35 1.27 9.21
N ARG B 26 1.14 0.78 8.89
CA ARG B 26 0.05 1.68 8.52
C ARG B 26 -0.41 2.50 9.72
N MET B 27 -0.46 1.88 10.90
CA MET B 27 -0.77 2.63 12.11
C MET B 27 0.23 3.74 12.36
N ILE B 28 1.50 3.44 12.17
CA ILE B 28 2.53 4.45 12.37
C ILE B 28 2.37 5.54 11.33
N GLU B 29 2.14 5.16 10.08
CA GLU B 29 2.00 6.17 9.03
C GLU B 29 0.79 7.06 9.27
N GLN B 30 -0.27 6.51 9.84
CA GLN B 30 -1.45 7.31 10.08
C GLN B 30 -1.38 8.07 11.40
N GLY B 31 -0.31 7.93 12.16
CA GLY B 31 -0.13 8.77 13.32
C GLY B 31 -0.91 8.31 14.53
N LEU B 32 -1.17 7.01 14.65
CA LEU B 32 -1.77 6.48 15.86
CA LEU B 32 -1.77 6.47 15.86
C LEU B 32 -0.86 6.75 17.04
N LYS B 33 -1.39 7.44 18.07
CA LYS B 33 -0.61 7.90 19.20
C LYS B 33 -0.89 7.10 20.48
N GLY B 34 0.02 7.26 21.45
CA GLY B 34 -0.24 6.81 22.81
C GLY B 34 0.08 5.35 23.08
N VAL B 35 0.68 4.65 22.12
CA VAL B 35 1.00 3.23 22.26
C VAL B 35 2.44 3.00 21.83
N GLU B 36 2.99 1.86 22.24
CA GLU B 36 4.30 1.38 21.78
C GLU B 36 4.06 0.35 20.69
N PHE B 37 4.72 0.52 19.53
CA PHE B 37 4.57 -0.40 18.42
C PHE B 37 5.69 -1.42 18.45
N ILE B 38 5.34 -2.69 18.23
CA ILE B 38 6.31 -3.79 18.25
C ILE B 38 6.09 -4.58 16.97
N ALA B 39 7.17 -4.80 16.20
CA ALA B 39 7.11 -5.55 14.94
C ALA B 39 7.87 -6.85 15.15
N ILE B 40 7.23 -7.99 14.91
CA ILE B 40 7.88 -9.30 15.04
C ILE B 40 7.84 -9.98 13.68
N ASN B 41 9.01 -10.26 13.13
CA ASN B 41 9.11 -10.97 11.85
C ASN B 41 9.22 -12.46 12.16
N THR B 42 8.40 -13.28 11.49
CA THR B 42 8.38 -14.72 11.73
C THR B 42 8.87 -15.54 10.55
N ASP B 43 9.28 -14.92 9.44
CA ASP B 43 9.74 -15.68 8.28
C ASP B 43 11.25 -15.72 8.20
N ALA B 44 11.80 -16.91 7.94
CA ALA B 44 13.25 -16.98 7.73
C ALA B 44 13.64 -16.35 6.39
N GLN B 45 12.77 -16.43 5.41
CA GLN B 45 13.14 -16.12 4.04
C GLN B 45 12.96 -14.65 3.65
N ALA B 46 12.18 -13.89 4.41
CA ALA B 46 11.87 -12.53 4.03
C ALA B 46 11.68 -11.72 5.29
N LEU B 47 11.92 -10.42 5.18
CA LEU B 47 11.68 -9.52 6.30
C LEU B 47 11.05 -8.26 5.75
N LEU B 48 9.87 -7.91 6.29
CA LEU B 48 9.25 -6.63 6.01
C LEU B 48 9.78 -5.64 7.04
N MET B 49 10.46 -4.60 6.56
CA MET B 49 11.07 -3.66 7.48
C MET B 49 9.99 -2.78 8.12
N SER B 50 10.35 -2.15 9.24
CA SER B 50 9.33 -1.40 9.97
C SER B 50 10.00 -0.27 10.72
N ASP B 51 9.29 0.84 10.86
CA ASP B 51 9.72 1.91 11.77
C ASP B 51 9.12 1.78 13.17
N ALA B 52 8.67 0.58 13.55
CA ALA B 52 8.25 0.32 14.91
C ALA B 52 9.34 0.66 15.92
N ASP B 53 8.90 1.02 17.13
CA ASP B 53 9.78 1.33 18.26
C ASP B 53 10.73 0.17 18.55
N VAL B 54 10.18 -1.03 18.51
CA VAL B 54 10.81 -2.25 18.97
C VAL B 54 10.60 -3.28 17.87
N LYS B 55 11.68 -3.96 17.48
CA LYS B 55 11.61 -4.90 16.38
C LYS B 55 12.33 -6.17 16.78
N LEU B 56 11.73 -7.31 16.48
CA LEU B 56 12.34 -8.60 16.80
C LEU B 56 12.13 -9.54 15.62
N ASP B 57 13.24 -10.04 15.05
CA ASP B 57 13.17 -11.02 13.96
C ASP B 57 13.37 -12.41 14.56
N VAL B 58 12.26 -13.17 14.67
CA VAL B 58 12.36 -14.52 15.16
C VAL B 58 12.43 -15.57 14.04
N GLY B 59 12.45 -15.14 12.78
CA GLY B 59 12.45 -16.04 11.63
C GLY B 59 13.74 -16.84 11.54
N ARG B 60 13.66 -18.13 11.86
CA ARG B 60 14.82 -19.04 11.91
C ARG B 60 14.52 -20.37 11.22
N ALA B 70 5.65 -20.61 4.65
CA ALA B 70 4.61 -19.69 5.11
C ALA B 70 3.49 -20.47 5.78
N ASP B 71 3.77 -20.98 6.98
CA ASP B 71 2.94 -21.98 7.60
C ASP B 71 2.74 -21.72 9.09
N PRO B 72 1.55 -21.97 9.62
CA PRO B 72 1.30 -21.65 11.04
C PRO B 72 2.21 -22.38 12.03
N GLU B 73 2.55 -23.64 11.76
CA GLU B 73 3.40 -24.36 12.71
C GLU B 73 4.79 -23.74 12.75
N VAL B 74 5.29 -23.32 11.59
CA VAL B 74 6.58 -22.63 11.52
C VAL B 74 6.57 -21.37 12.36
N GLY B 75 5.54 -20.55 12.19
CA GLY B 75 5.46 -19.31 12.95
C GLY B 75 5.30 -19.56 14.44
N ARG B 76 4.52 -20.59 14.80
CA ARG B 76 4.36 -20.94 16.21
C ARG B 76 5.69 -21.34 16.83
N LYS B 77 6.43 -22.23 16.16
CA LYS B 77 7.69 -22.68 16.76
C LYS B 77 8.72 -21.55 16.79
N ALA B 78 8.76 -20.71 15.74
CA ALA B 78 9.63 -19.55 15.77
C ALA B 78 9.35 -18.66 16.97
N ALA B 79 8.08 -18.36 17.23
CA ALA B 79 7.74 -17.52 18.39
C ALA B 79 8.07 -18.22 19.70
N GLU B 80 7.69 -19.50 19.83
CA GLU B 80 7.99 -20.21 21.05
C GLU B 80 9.50 -20.26 21.32
N ASP B 81 10.30 -20.47 20.28
CA ASP B 81 11.75 -20.48 20.44
C ASP B 81 12.26 -19.16 21.00
N ALA B 82 11.54 -18.05 20.75
CA ALA B 82 11.95 -16.74 21.21
C ALA B 82 11.09 -16.22 22.36
N LYS B 83 10.51 -17.14 23.15
CA LYS B 83 9.52 -16.70 24.14
C LYS B 83 10.15 -15.82 25.21
N ASP B 84 11.38 -16.12 25.62
CA ASP B 84 12.01 -15.28 26.63
C ASP B 84 12.19 -13.85 26.12
N GLU B 85 12.64 -13.71 24.87
CA GLU B 85 12.84 -12.39 24.29
CA GLU B 85 12.84 -12.39 24.29
C GLU B 85 11.51 -11.67 24.11
N ILE B 86 10.47 -12.39 23.69
CA ILE B 86 9.18 -11.74 23.51
C ILE B 86 8.65 -11.27 24.85
N GLU B 87 8.77 -12.13 25.87
CA GLU B 87 8.30 -11.75 27.20
C GLU B 87 8.97 -10.48 27.70
N GLU B 88 10.28 -10.35 27.48
CA GLU B 88 10.97 -9.16 27.92
C GLU B 88 10.47 -7.92 27.21
N LEU B 89 10.09 -8.05 25.92
CA LEU B 89 9.55 -6.90 25.19
C LEU B 89 8.19 -6.48 25.73
N LEU B 90 7.40 -7.43 26.22
CA LEU B 90 6.02 -7.16 26.64
C LEU B 90 5.93 -6.78 28.12
N ARG B 91 6.97 -7.05 28.90
CA ARG B 91 6.91 -6.83 30.33
C ARG B 91 6.61 -5.35 30.63
N GLY B 92 5.72 -5.13 31.57
CA GLY B 92 5.30 -3.78 31.93
C GLY B 92 4.05 -3.30 31.24
N ALA B 93 3.55 -4.00 30.22
CA ALA B 93 2.33 -3.55 29.57
C ALA B 93 1.10 -3.84 30.43
N ASP B 94 0.18 -2.88 30.43
CA ASP B 94 -1.15 -3.09 30.97
C ASP B 94 -2.08 -3.68 29.92
N MET B 95 -1.80 -3.38 28.66
CA MET B 95 -2.65 -3.85 27.59
C MET B 95 -1.77 -4.20 26.40
N VAL B 96 -2.03 -5.36 25.77
CA VAL B 96 -1.29 -5.74 24.56
C VAL B 96 -2.28 -6.11 23.48
N PHE B 97 -2.15 -5.45 22.31
CA PHE B 97 -2.88 -5.86 21.12
C PHE B 97 -1.96 -6.77 20.32
N VAL B 98 -2.51 -7.84 19.74
CA VAL B 98 -1.71 -8.72 18.87
C VAL B 98 -2.48 -8.90 17.58
N THR B 99 -1.81 -8.71 16.44
CA THR B 99 -2.48 -8.99 15.17
C THR B 99 -1.47 -9.51 14.15
N ALA B 100 -1.93 -10.47 13.35
CA ALA B 100 -1.20 -10.93 12.17
C ALA B 100 -1.76 -10.29 10.90
N GLY B 101 -2.70 -9.37 11.04
CA GLY B 101 -3.12 -8.49 9.95
C GLY B 101 -3.87 -9.26 8.87
N GLU B 102 -3.86 -8.70 7.65
CA GLU B 102 -4.53 -9.38 6.56
C GLU B 102 -3.65 -10.48 6.01
N GLY B 103 -4.29 -11.44 5.37
CA GLY B 103 -3.58 -12.48 4.65
C GLY B 103 -3.36 -13.67 5.54
N GLY B 104 -2.11 -14.11 5.63
CA GLY B 104 -1.83 -15.22 6.52
C GLY B 104 -0.34 -15.48 6.54
N GLY B 105 0.03 -16.74 6.48
CA GLY B 105 1.41 -17.09 6.68
C GLY B 105 1.73 -17.40 8.13
N THR B 106 3.03 -17.31 8.42
CA THR B 106 3.58 -17.69 9.72
C THR B 106 3.05 -16.81 10.84
N GLY B 107 2.59 -15.60 10.53
CA GLY B 107 2.08 -14.75 11.60
C GLY B 107 0.88 -15.37 12.28
N THR B 108 0.08 -16.16 11.54
CA THR B 108 -1.06 -16.85 12.14
C THR B 108 -0.63 -17.77 13.27
N GLY B 109 0.55 -18.37 13.13
CA GLY B 109 1.02 -19.28 14.17
C GLY B 109 1.69 -18.55 15.30
N GLY B 110 2.33 -17.42 15.00
CA GLY B 110 3.06 -16.67 16.00
C GLY B 110 2.14 -15.90 16.90
N ALA B 111 1.04 -15.36 16.35
CA ALA B 111 0.19 -14.48 17.15
C ALA B 111 -0.30 -15.12 18.44
N PRO B 112 -0.76 -16.39 18.45
CA PRO B 112 -1.26 -16.94 19.71
C PRO B 112 -0.17 -17.09 20.76
N VAL B 113 1.08 -17.31 20.33
CA VAL B 113 2.20 -17.40 21.25
C VAL B 113 2.44 -16.05 21.92
N VAL B 114 2.43 -14.98 21.12
CA VAL B 114 2.58 -13.65 21.70
C VAL B 114 1.45 -13.36 22.68
N ALA B 115 0.21 -13.67 22.30
CA ALA B 115 -0.94 -13.39 23.16
C ALA B 115 -0.82 -14.15 24.47
N SER B 116 -0.41 -15.42 24.40
CA SER B 116 -0.28 -16.24 25.60
CA SER B 116 -0.28 -16.24 25.60
C SER B 116 0.72 -15.63 26.57
N ILE B 117 1.86 -15.15 26.04
CA ILE B 117 2.89 -14.54 26.87
C ILE B 117 2.37 -13.27 27.50
N ALA B 118 1.70 -12.42 26.70
CA ALA B 118 1.11 -11.20 27.24
C ALA B 118 0.13 -11.52 28.36
N ARG B 119 -0.71 -12.53 28.17
CA ARG B 119 -1.73 -12.79 29.18
C ARG B 119 -1.10 -13.36 30.44
N LYS B 120 -0.04 -14.15 30.29
CA LYS B 120 0.61 -14.71 31.47
C LYS B 120 1.33 -13.65 32.27
N LEU B 121 1.75 -12.56 31.61
CA LEU B 121 2.30 -11.39 32.29
C LEU B 121 1.24 -10.58 32.99
N GLY B 122 -0.04 -10.87 32.74
CA GLY B 122 -1.09 -10.11 33.36
C GLY B 122 -1.64 -8.97 32.53
N ALA B 123 -1.19 -8.81 31.28
CA ALA B 123 -1.72 -7.74 30.44
C ALA B 123 -3.11 -8.11 29.95
N LEU B 124 -3.98 -7.11 29.85
CA LEU B 124 -5.22 -7.26 29.09
C LEU B 124 -4.84 -7.48 27.64
N THR B 125 -5.18 -8.62 27.10
CA THR B 125 -4.62 -9.08 25.82
C THR B 125 -5.75 -9.12 24.82
N VAL B 126 -5.65 -8.26 23.80
CA VAL B 126 -6.69 -8.13 22.77
C VAL B 126 -6.10 -8.55 21.43
N GLY B 127 -6.65 -9.63 20.88
CA GLY B 127 -6.26 -10.02 19.53
C GLY B 127 -7.15 -9.28 18.54
N VAL B 128 -6.63 -9.09 17.34
CA VAL B 128 -7.43 -8.58 16.23
C VAL B 128 -7.15 -9.50 15.05
N VAL B 129 -8.22 -10.09 14.50
CA VAL B 129 -8.04 -11.09 13.42
C VAL B 129 -9.07 -10.78 12.35
N THR B 130 -8.68 -10.98 11.08
CA THR B 130 -9.57 -10.75 9.94
C THR B 130 -10.00 -12.10 9.42
N ARG B 131 -11.27 -12.23 9.14
CA ARG B 131 -11.66 -13.39 8.33
C ARG B 131 -11.58 -12.99 6.88
N PRO B 132 -10.93 -13.77 6.02
CA PRO B 132 -10.76 -13.34 4.64
C PRO B 132 -12.10 -13.28 3.91
N PHE B 133 -12.11 -12.55 2.81
CA PHE B 133 -13.28 -12.58 1.94
C PHE B 133 -13.43 -13.98 1.40
N SER B 134 -14.68 -14.41 1.25
CA SER B 134 -14.93 -15.73 0.64
C SER B 134 -14.29 -15.86 -0.75
N PHE B 135 -14.23 -14.77 -1.53
CA PHE B 135 -13.69 -14.91 -2.88
C PHE B 135 -12.20 -15.20 -2.89
N GLU B 136 -11.52 -15.14 -1.72
CA GLU B 136 -10.10 -15.47 -1.65
C GLU B 136 -9.85 -16.97 -1.64
N GLY B 137 -10.89 -17.79 -1.45
CA GLY B 137 -10.68 -19.22 -1.35
C GLY B 137 -10.17 -19.59 0.04
N LYS B 138 -9.65 -20.80 0.15
CA LYS B 138 -9.35 -21.36 1.47
C LYS B 138 -8.14 -22.28 1.35
N ARG B 139 -7.17 -22.19 2.29
CA ARG B 139 -6.05 -23.12 2.31
C ARG B 139 -6.27 -24.17 3.39
N ARG B 140 -6.03 -25.44 3.05
CA ARG B 140 -6.40 -26.65 3.82
C ARG B 140 -6.03 -26.62 5.30
N SER B 141 -6.59 -27.56 6.05
CA SER B 141 -6.52 -27.68 7.48
C SER B 141 -7.50 -26.70 8.10
N ASN B 142 -8.29 -25.99 7.29
CA ASN B 142 -9.18 -24.94 7.77
C ASN B 142 -8.39 -23.90 8.57
N GLN B 143 -7.35 -23.35 7.96
CA GLN B 143 -6.37 -22.70 8.81
C GLN B 143 -6.72 -21.26 9.16
N ALA B 144 -7.56 -20.59 8.37
CA ALA B 144 -8.11 -19.31 8.81
C ALA B 144 -8.91 -19.46 10.10
N GLU B 145 -9.91 -20.35 10.09
CA GLU B 145 -10.68 -20.62 11.30
C GLU B 145 -9.82 -21.24 12.39
N ASN B 146 -8.81 -22.04 12.02
CA ASN B 146 -7.97 -22.62 13.06
C ASN B 146 -7.06 -21.55 13.68
N GLY B 147 -6.60 -20.61 12.85
CA GLY B 147 -5.86 -19.48 13.39
C GLY B 147 -6.70 -18.65 14.34
N ILE B 148 -7.97 -18.43 13.99
CA ILE B 148 -8.87 -17.66 14.84
C ILE B 148 -9.07 -18.37 16.17
N ALA B 149 -9.33 -19.68 16.12
CA ALA B 149 -9.54 -20.44 17.33
C ALA B 149 -8.31 -20.39 18.24
N ALA B 150 -7.11 -20.57 17.66
CA ALA B 150 -5.89 -20.57 18.47
C ALA B 150 -5.69 -19.20 19.13
N LEU B 151 -5.92 -18.12 18.39
CA LEU B 151 -5.74 -16.79 18.98
C LEU B 151 -6.78 -16.55 20.07
N ARG B 152 -8.02 -16.99 19.83
CA ARG B 152 -9.07 -16.81 20.81
C ARG B 152 -8.72 -17.45 22.14
N GLU B 153 -8.14 -18.65 22.11
CA GLU B 153 -7.78 -19.33 23.33
C GLU B 153 -6.67 -18.63 24.08
N SER B 154 -5.88 -17.77 23.43
CA SER B 154 -4.80 -17.07 24.12
C SER B 154 -5.09 -15.62 24.46
N CYS B 155 -6.21 -15.07 24.00
CA CYS B 155 -6.54 -13.67 24.23
C CYS B 155 -7.59 -13.52 25.33
N ASP B 156 -7.62 -12.33 25.96
CA ASP B 156 -8.80 -11.96 26.73
C ASP B 156 -9.99 -11.72 25.83
N THR B 157 -9.82 -10.84 24.85
CA THR B 157 -10.84 -10.53 23.85
C THR B 157 -10.21 -10.72 22.47
N LEU B 158 -10.94 -11.34 21.57
CA LEU B 158 -10.51 -11.44 20.18
C LEU B 158 -11.50 -10.68 19.32
N ILE B 159 -11.05 -9.57 18.73
CA ILE B 159 -11.90 -8.82 17.81
C ILE B 159 -11.79 -9.48 16.46
N VAL B 160 -12.91 -9.95 15.93
CA VAL B 160 -12.94 -10.66 14.66
C VAL B 160 -13.60 -9.73 13.66
N ILE B 161 -12.94 -9.50 12.52
CA ILE B 161 -13.43 -8.61 11.47
C ILE B 161 -13.78 -9.50 10.28
N PRO B 162 -15.08 -9.73 10.01
CA PRO B 162 -15.48 -10.58 8.88
C PRO B 162 -15.47 -9.74 7.61
N ASN B 163 -14.38 -9.82 6.83
CA ASN B 163 -14.26 -8.98 5.63
C ASN B 163 -15.45 -9.10 4.69
N ASP B 164 -16.10 -10.28 4.61
CA ASP B 164 -17.25 -10.44 3.72
C ASP B 164 -18.30 -9.35 3.97
N ARG B 165 -18.44 -8.93 5.23
CA ARG B 165 -19.48 -7.95 5.54
C ARG B 165 -19.17 -6.57 4.99
N LEU B 166 -17.92 -6.30 4.62
CA LEU B 166 -17.59 -5.01 4.02
C LEU B 166 -18.29 -4.81 2.70
N LEU B 167 -18.70 -5.90 2.03
CA LEU B 167 -19.34 -5.74 0.73
C LEU B 167 -20.76 -5.22 0.87
N GLN B 168 -21.23 -5.05 2.11
CA GLN B 168 -22.57 -4.56 2.40
C GLN B 168 -22.56 -3.14 2.97
N MET B 169 -21.42 -2.45 2.94
CA MET B 169 -21.26 -1.19 3.67
C MET B 169 -21.13 0.00 2.72
N GLY B 170 -21.96 1.02 2.96
CA GLY B 170 -21.89 2.26 2.21
C GLY B 170 -22.97 2.38 1.15
N ALA B 172 -23.05 2.40 -2.16
CA ALA B 172 -22.58 2.06 -3.50
C ALA B 172 -22.10 0.60 -3.61
N ALA B 173 -21.84 0.16 -4.84
CA ALA B 173 -21.32 -1.18 -5.11
C ALA B 173 -19.80 -1.19 -4.97
N VAL B 174 -19.30 -1.99 -4.03
CA VAL B 174 -17.88 -2.00 -3.67
C VAL B 174 -17.08 -2.71 -4.76
N SER B 175 -15.98 -2.06 -5.23
CA SER B 175 -14.99 -2.61 -6.18
C SER B 175 -13.98 -3.50 -5.45
N LEU B 176 -13.22 -4.30 -6.20
CA LEU B 176 -12.28 -5.22 -5.54
C LEU B 176 -11.20 -4.45 -4.79
N MET B 177 -10.62 -3.44 -5.46
CA MET B 177 -9.63 -2.61 -4.80
C MET B 177 -10.25 -1.88 -3.60
N ASP B 178 -11.48 -1.40 -3.74
CA ASP B 178 -12.16 -0.76 -2.62
C ASP B 178 -12.30 -1.73 -1.46
N ALA B 179 -12.67 -2.97 -1.79
CA ALA B 179 -12.90 -3.98 -0.75
C ALA B 179 -11.63 -4.20 0.06
N PHE B 180 -10.49 -4.32 -0.63
CA PHE B 180 -9.20 -4.51 0.06
C PHE B 180 -8.82 -3.27 0.86
N ARG B 181 -9.04 -2.08 0.31
CA ARG B 181 -8.69 -0.88 1.07
C ARG B 181 -9.56 -0.73 2.31
N SER B 182 -10.85 -1.03 2.17
CA SER B 182 -11.75 -0.97 3.31
C SER B 182 -11.32 -1.95 4.38
N ALA B 183 -10.92 -3.16 3.96
CA ALA B 183 -10.47 -4.14 4.94
C ALA B 183 -9.28 -3.60 5.73
N ASP B 184 -8.31 -2.99 5.05
CA ASP B 184 -7.15 -2.44 5.75
C ASP B 184 -7.58 -1.37 6.73
N GLU B 185 -8.55 -0.55 6.34
CA GLU B 185 -8.90 0.60 7.19
C GLU B 185 -9.65 0.12 8.44
N VAL B 186 -10.51 -0.88 8.28
CA VAL B 186 -11.25 -1.31 9.47
CA VAL B 186 -11.27 -1.38 9.43
C VAL B 186 -10.34 -2.09 10.40
N LEU B 187 -9.35 -2.82 9.88
CA LEU B 187 -8.37 -3.46 10.75
C LEU B 187 -7.63 -2.43 11.59
N LEU B 188 -7.20 -1.33 10.96
CA LEU B 188 -6.53 -0.27 11.72
C LEU B 188 -7.45 0.23 12.81
N ASN B 189 -8.75 0.36 12.51
CA ASN B 189 -9.67 0.84 13.53
C ASN B 189 -9.96 -0.20 14.63
N GLY B 190 -9.78 -1.49 14.36
CA GLY B 190 -9.83 -2.47 15.44
C GLY B 190 -8.89 -2.14 16.59
N VAL B 191 -7.80 -1.45 16.29
CA VAL B 191 -6.91 -0.96 17.30
C VAL B 191 -7.25 0.47 17.67
N GLN B 192 -7.32 1.38 16.70
CA GLN B 192 -7.30 2.81 17.06
C GLN B 192 -8.56 3.26 17.79
N GLY B 193 -9.72 2.69 17.43
CA GLY B 193 -10.95 3.12 18.08
C GLY B 193 -10.86 2.95 19.58
N ILE B 194 -10.34 1.79 20.02
CA ILE B 194 -10.17 1.50 21.44
C ILE B 194 -9.01 2.28 22.02
N THR B 195 -7.82 2.26 21.36
CA THR B 195 -6.69 2.88 22.05
C THR B 195 -6.89 4.39 22.20
N ASP B 196 -7.48 5.07 21.20
CA ASP B 196 -7.72 6.51 21.35
C ASP B 196 -8.68 6.79 22.50
N LEU B 197 -9.72 5.97 22.64
CA LEU B 197 -10.65 6.16 23.76
C LEU B 197 -9.89 6.18 25.09
N ILE B 198 -8.88 5.32 25.21
CA ILE B 198 -8.13 5.18 26.47
C ILE B 198 -7.08 6.27 26.59
N THR B 199 -6.32 6.54 25.51
CA THR B 199 -5.12 7.36 25.60
C THR B 199 -5.35 8.85 25.33
N THR B 200 -6.42 9.22 24.63
CA THR B 200 -6.51 10.56 24.05
C THR B 200 -7.65 11.31 24.70
N PRO B 201 -7.42 12.47 25.26
CA PRO B 201 -8.49 13.18 25.97
C PRO B 201 -9.68 13.46 25.05
N GLY B 202 -10.87 13.37 25.67
CA GLY B 202 -12.10 13.80 25.05
C GLY B 202 -12.95 14.41 26.13
N LEU B 203 -14.11 14.95 25.72
CA LEU B 203 -15.05 15.47 26.69
C LEU B 203 -15.44 14.39 27.70
N ILE B 204 -15.65 13.15 27.23
CA ILE B 204 -16.05 12.04 28.10
C ILE B 204 -14.90 11.06 28.13
N ASN B 205 -14.22 10.96 29.28
CA ASN B 205 -13.11 10.03 29.39
C ASN B 205 -13.51 8.82 30.21
N VAL B 206 -12.74 7.75 30.06
CA VAL B 206 -13.03 6.48 30.70
C VAL B 206 -11.86 6.08 31.58
N ASP B 207 -12.13 5.09 32.44
CA ASP B 207 -11.15 4.47 33.32
CA ASP B 207 -11.09 4.51 33.28
C ASP B 207 -10.65 3.18 32.67
N PHE B 208 -9.32 3.03 32.54
CA PHE B 208 -8.81 1.77 31.97
C PHE B 208 -9.33 0.57 32.75
N ALA B 209 -9.48 0.72 34.06
CA ALA B 209 -9.94 -0.42 34.85
C ALA B 209 -11.30 -0.90 34.39
N ASP B 210 -12.16 0.01 33.93
CA ASP B 210 -13.45 -0.39 33.39
C ASP B 210 -13.29 -1.09 32.05
N VAL B 211 -12.36 -0.61 31.22
CA VAL B 211 -12.08 -1.33 29.98
C VAL B 211 -11.61 -2.75 30.29
N LYS B 212 -10.65 -2.88 31.20
CA LYS B 212 -10.17 -4.21 31.59
C LYS B 212 -11.30 -5.05 32.16
N GLY B 213 -12.18 -4.45 32.94
CA GLY B 213 -13.34 -5.19 33.44
C GLY B 213 -14.22 -5.76 32.35
N ILE B 214 -14.46 -5.01 31.28
CA ILE B 214 -15.35 -5.49 30.24
C ILE B 214 -14.63 -6.45 29.26
N MET B 215 -13.31 -6.30 29.08
CA MET B 215 -12.63 -7.09 28.06
C MET B 215 -11.88 -8.31 28.60
N SER B 216 -11.59 -8.37 29.89
CA SER B 216 -10.89 -9.54 30.43
C SER B 216 -11.76 -10.78 30.29
N GLY B 217 -11.20 -11.83 29.70
CA GLY B 217 -11.96 -13.07 29.51
C GLY B 217 -13.26 -12.97 28.73
N ALA B 218 -13.43 -11.92 27.91
CA ALA B 218 -14.70 -11.74 27.20
C ALA B 218 -14.86 -12.69 26.02
N GLY B 219 -13.75 -13.07 25.36
CA GLY B 219 -13.83 -13.90 24.17
C GLY B 219 -14.02 -13.10 22.89
N THR B 220 -14.89 -13.60 22.01
CA THR B 220 -15.07 -12.98 20.70
C THR B 220 -15.75 -11.63 20.82
N ALA B 221 -15.22 -10.66 20.10
CA ALA B 221 -15.88 -9.38 19.98
C ALA B 221 -15.99 -9.01 18.50
N LEU B 222 -16.99 -8.20 18.19
CA LEU B 222 -17.21 -7.69 16.85
C LEU B 222 -17.16 -6.16 16.91
N MET B 223 -16.88 -5.54 15.76
CA MET B 223 -16.77 -4.10 15.71
C MET B 223 -17.76 -3.50 14.74
N GLY B 224 -18.25 -2.30 15.06
CA GLY B 224 -19.07 -1.54 14.14
C GLY B 224 -18.51 -0.15 14.02
N ILE B 225 -18.63 0.43 12.82
CA ILE B 225 -18.14 1.79 12.64
C ILE B 225 -19.18 2.62 11.88
N GLY B 226 -19.19 3.91 12.19
CA GLY B 226 -20.09 4.82 11.49
C GLY B 226 -19.51 6.20 11.44
N SER B 227 -19.84 6.95 10.38
CA SER B 227 -19.41 8.33 10.24
CA SER B 227 -19.46 8.35 10.36
C SER B 227 -20.57 9.17 9.71
N ALA B 228 -20.58 10.45 10.06
CA ALA B 228 -21.64 11.35 9.60
C ALA B 228 -21.15 12.78 9.77
N ARG B 229 -21.72 13.68 8.97
CA ARG B 229 -21.46 15.11 9.06
C ARG B 229 -22.77 15.88 9.20
N GLY B 230 -22.67 17.15 9.56
CA GLY B 230 -23.85 17.97 9.66
C GLY B 230 -24.58 17.81 10.98
N GLU B 231 -25.81 18.33 11.00
CA GLU B 231 -26.58 18.30 12.23
C GLU B 231 -27.04 16.88 12.52
N GLY B 232 -27.10 16.56 13.82
CA GLY B 232 -27.37 15.20 14.24
C GLY B 232 -26.31 14.20 13.87
N ARG B 233 -25.12 14.66 13.47
CA ARG B 233 -24.07 13.76 13.02
C ARG B 233 -23.70 12.72 14.08
N SER B 234 -23.76 13.07 15.37
CA SER B 234 -23.38 12.08 16.40
C SER B 234 -24.37 10.92 16.42
N LEU B 235 -25.65 11.25 16.42
CA LEU B 235 -26.71 10.24 16.39
C LEU B 235 -26.68 9.43 15.10
N LYS B 236 -26.50 10.09 13.96
CA LYS B 236 -26.46 9.39 12.69
C LYS B 236 -25.27 8.43 12.63
N ALA B 237 -24.09 8.88 13.05
CA ALA B 237 -22.92 8.00 13.03
C ALA B 237 -23.09 6.83 14.00
N ALA B 238 -23.67 7.08 15.16
CA ALA B 238 -23.89 6.00 16.10
C ALA B 238 -24.87 4.98 15.56
N GLU B 239 -25.97 5.44 14.93
CA GLU B 239 -26.93 4.51 14.35
C GLU B 239 -26.27 3.63 13.30
N ILE B 240 -25.45 4.24 12.45
CA ILE B 240 -24.72 3.48 11.46
C ILE B 240 -23.85 2.43 12.12
N ALA B 241 -23.10 2.85 13.16
CA ALA B 241 -22.17 1.92 13.79
C ALA B 241 -22.91 0.74 14.44
N ILE B 242 -24.03 1.01 15.13
CA ILE B 242 -24.78 -0.03 15.85
CA ILE B 242 -24.68 -0.10 15.83
C ILE B 242 -25.39 -1.02 14.87
N ASN B 243 -25.68 -0.55 13.66
CA ASN B 243 -26.31 -1.38 12.64
C ASN B 243 -25.28 -1.93 11.65
N SER B 244 -23.99 -1.72 11.90
CA SER B 244 -22.98 -2.10 10.94
C SER B 244 -23.07 -3.60 10.62
N PRO B 245 -22.93 -3.98 9.36
CA PRO B 245 -22.88 -5.41 9.00
C PRO B 245 -21.75 -6.14 9.67
N LEU B 246 -20.66 -5.43 10.03
CA LEU B 246 -19.54 -6.06 10.72
C LEU B 246 -19.91 -6.56 12.11
N LEU B 247 -20.99 -6.03 12.71
CA LEU B 247 -21.48 -6.57 13.98
C LEU B 247 -22.38 -7.78 13.81
N GLU B 248 -22.72 -8.17 12.57
CA GLU B 248 -23.44 -9.41 12.33
C GLU B 248 -24.76 -9.49 13.11
N ALA B 249 -25.44 -8.35 13.24
CA ALA B 249 -26.73 -8.22 13.92
C ALA B 249 -26.68 -8.74 15.36
N SER B 250 -25.55 -8.59 16.02
CA SER B 250 -25.24 -9.14 17.34
CA SER B 250 -25.43 -9.16 17.35
C SER B 250 -25.32 -8.10 18.45
N MET B 251 -25.52 -6.84 18.10
CA MET B 251 -25.53 -5.76 19.07
C MET B 251 -26.61 -5.97 20.13
N GLU B 252 -27.81 -6.40 19.72
CA GLU B 252 -28.91 -6.54 20.67
C GLU B 252 -28.63 -7.60 21.72
N GLY B 253 -27.74 -8.56 21.44
CA GLY B 253 -27.44 -9.60 22.41
C GLY B 253 -26.17 -9.37 23.20
N ALA B 254 -25.43 -8.30 22.88
CA ALA B 254 -24.13 -8.10 23.50
C ALA B 254 -24.25 -7.66 24.96
N GLN B 255 -23.44 -8.29 25.80
CA GLN B 255 -23.37 -8.02 27.23
C GLN B 255 -22.22 -7.12 27.61
N GLY B 256 -21.29 -6.85 26.69
CA GLY B 256 -20.29 -5.85 26.93
C GLY B 256 -20.21 -4.98 25.68
N VAL B 257 -20.31 -3.67 25.83
CA VAL B 257 -20.26 -2.77 24.68
C VAL B 257 -19.29 -1.65 25.03
N LEU B 258 -18.39 -1.33 24.11
CA LEU B 258 -17.57 -0.14 24.20
CA LEU B 258 -17.55 -0.15 24.18
C LEU B 258 -17.95 0.76 23.03
N MET B 259 -18.11 2.05 23.30
CA MET B 259 -18.46 2.97 22.23
C MET B 259 -17.58 4.20 22.38
N SER B 260 -16.96 4.62 21.28
CA SER B 260 -16.12 5.81 21.31
C SER B 260 -16.58 6.72 20.17
N ILE B 261 -16.77 8.01 20.48
CA ILE B 261 -17.12 9.00 19.46
C ILE B 261 -15.93 9.91 19.31
N ALA B 262 -15.34 9.91 18.12
CA ALA B 262 -14.24 10.82 17.79
C ALA B 262 -14.79 12.00 16.98
N GLY B 263 -14.35 13.20 17.32
CA GLY B 263 -14.90 14.37 16.67
C GLY B 263 -14.22 15.63 17.16
N GLY B 264 -14.69 16.77 16.61
CA GLY B 264 -14.10 18.05 16.97
C GLY B 264 -14.40 18.44 18.41
N SER B 265 -13.54 19.33 18.95
CA SER B 265 -13.69 19.80 20.33
C SER B 265 -14.97 20.60 20.56
N ASP B 266 -15.65 21.02 19.50
CA ASP B 266 -16.91 21.74 19.59
C ASP B 266 -18.14 20.84 19.63
N LEU B 267 -17.98 19.53 19.48
CA LEU B 267 -19.12 18.64 19.62
C LEU B 267 -19.74 18.81 21.02
N GLY B 268 -21.05 19.05 21.06
CA GLY B 268 -21.70 19.40 22.31
C GLY B 268 -22.08 18.18 23.14
N LEU B 269 -22.25 18.43 24.44
CA LEU B 269 -22.58 17.35 25.37
C LEU B 269 -23.95 16.77 25.06
N PHE B 270 -24.93 17.63 24.75
CA PHE B 270 -26.25 17.11 24.42
C PHE B 270 -26.14 16.12 23.26
N GLU B 271 -25.43 16.51 22.19
CA GLU B 271 -25.35 15.68 20.98
C GLU B 271 -24.65 14.37 21.27
N ILE B 272 -23.56 14.46 22.02
CA ILE B 272 -22.83 13.28 22.44
C ILE B 272 -23.73 12.37 23.27
N ASN B 273 -24.48 12.96 24.19
CA ASN B 273 -25.30 12.15 25.07
C ASN B 273 -26.43 11.47 24.32
N GLU B 274 -26.94 12.08 23.24
CA GLU B 274 -27.96 11.41 22.41
CA GLU B 274 -27.98 11.37 22.48
C GLU B 274 -27.43 10.09 21.87
N ALA B 275 -26.18 10.11 21.38
CA ALA B 275 -25.55 8.89 20.91
C ALA B 275 -25.39 7.88 22.03
N ALA B 276 -25.00 8.34 23.23
CA ALA B 276 -24.85 7.41 24.34
C ALA B 276 -26.19 6.81 24.70
N SER B 277 -27.26 7.60 24.59
CA SER B 277 -28.56 7.06 24.96
C SER B 277 -28.98 6.00 23.93
N LEU B 278 -28.65 6.23 22.67
CA LEU B 278 -29.04 5.30 21.61
C LEU B 278 -28.39 3.94 21.79
N VAL B 279 -27.10 3.92 22.13
CA VAL B 279 -26.43 2.63 22.25
C VAL B 279 -26.96 1.87 23.47
N GLN B 280 -27.34 2.58 24.53
CA GLN B 280 -27.94 1.92 25.68
C GLN B 280 -29.25 1.27 25.32
N ASP B 281 -30.07 1.96 24.52
CA ASP B 281 -31.33 1.39 24.07
C ASP B 281 -31.10 0.17 23.21
N ALA B 282 -30.06 0.22 22.38
CA ALA B 282 -29.80 -0.84 21.41
C ALA B 282 -29.16 -2.05 22.05
N ALA B 283 -28.37 -1.87 23.11
CA ALA B 283 -27.68 -3.02 23.66
C ALA B 283 -28.63 -3.81 24.56
N HIS B 284 -28.19 -5.00 24.92
CA HIS B 284 -28.94 -5.81 25.87
C HIS B 284 -29.16 -5.03 27.17
N PRO B 285 -30.31 -5.19 27.83
CA PRO B 285 -30.56 -4.46 29.08
C PRO B 285 -29.54 -4.74 30.15
N ASP B 286 -28.98 -5.93 30.17
CA ASP B 286 -28.01 -6.31 31.17
C ASP B 286 -26.57 -6.02 30.74
N ALA B 287 -26.36 -5.31 29.63
CA ALA B 287 -25.00 -5.06 29.16
C ALA B 287 -24.23 -4.13 30.07
N ASN B 288 -22.94 -4.40 30.20
CA ASN B 288 -22.00 -3.38 30.63
C ASN B 288 -21.73 -2.48 29.43
N ILE B 289 -21.69 -1.17 29.65
CA ILE B 289 -21.47 -0.27 28.52
C ILE B 289 -20.42 0.72 28.95
N ILE B 290 -19.32 0.78 28.20
CA ILE B 290 -18.30 1.79 28.43
C ILE B 290 -18.41 2.79 27.29
N PHE B 291 -18.58 4.07 27.62
CA PHE B 291 -18.81 5.10 26.60
C PHE B 291 -17.82 6.25 26.78
N GLY B 292 -17.27 6.76 25.67
CA GLY B 292 -16.49 7.97 25.82
C GLY B 292 -16.25 8.62 24.48
N THR B 293 -15.51 9.73 24.52
CA THR B 293 -15.27 10.50 23.32
C THR B 293 -13.80 10.87 23.23
N VAL B 294 -13.43 11.30 22.02
CA VAL B 294 -12.03 11.56 21.69
C VAL B 294 -12.03 12.85 20.88
N ILE B 295 -11.21 13.81 21.28
CA ILE B 295 -11.06 15.04 20.49
C ILE B 295 -10.11 14.74 19.33
N ASP B 296 -10.58 14.94 18.11
CA ASP B 296 -9.76 14.80 16.89
C ASP B 296 -10.20 15.95 15.98
N ASP B 297 -9.59 17.11 16.17
CA ASP B 297 -9.98 18.31 15.45
C ASP B 297 -9.67 18.23 13.96
N SER B 298 -8.90 17.25 13.55
CA SER B 298 -8.60 17.02 12.15
C SER B 298 -9.76 16.37 11.39
N LEU B 299 -10.82 15.94 12.08
CA LEU B 299 -11.98 15.41 11.39
C LEU B 299 -12.89 16.51 10.86
N GLY B 300 -12.61 17.76 11.15
CA GLY B 300 -13.50 18.81 10.71
C GLY B 300 -14.86 18.64 11.36
N ASP B 301 -15.92 18.71 10.55
CA ASP B 301 -17.25 18.56 11.08
C ASP B 301 -17.78 17.13 10.93
N GLU B 302 -16.88 16.17 10.75
CA GLU B 302 -17.26 14.76 10.69
C GLU B 302 -17.08 14.17 12.09
N VAL B 303 -17.96 13.23 12.45
CA VAL B 303 -17.68 12.42 13.63
C VAL B 303 -17.56 10.97 13.21
N ARG B 304 -16.71 10.23 13.94
CA ARG B 304 -16.48 8.81 13.66
C ARG B 304 -16.77 8.03 14.92
N VAL B 305 -17.70 7.07 14.84
CA VAL B 305 -18.10 6.28 16.01
C VAL B 305 -17.60 4.85 15.82
N THR B 306 -17.01 4.28 16.88
CA THR B 306 -16.60 2.89 16.90
C THR B 306 -17.38 2.21 18.01
N VAL B 307 -17.93 1.04 17.72
CA VAL B 307 -18.59 0.20 18.72
CA VAL B 307 -18.54 0.22 18.76
C VAL B 307 -17.87 -1.13 18.74
N ILE B 308 -17.58 -1.63 19.94
CA ILE B 308 -17.05 -2.98 20.12
C ILE B 308 -18.08 -3.72 20.95
N ALA B 309 -18.53 -4.87 20.46
CA ALA B 309 -19.57 -5.65 21.14
C ALA B 309 -19.02 -7.03 21.49
N ALA B 310 -19.20 -7.47 22.74
CA ALA B 310 -18.82 -8.83 23.15
C ALA B 310 -19.91 -9.46 24.04
N GLY B 311 -19.89 -10.78 24.20
CA GLY B 311 -20.89 -11.48 25.01
C GLY B 311 -22.20 -11.68 24.28
N PHE B 312 -23.01 -12.61 24.76
CA PHE B 312 -24.26 -12.99 24.09
C PHE B 312 -25.40 -13.09 25.08
N ASP B 313 -26.62 -13.23 24.55
CA ASP B 313 -27.82 -13.26 25.39
C ASP B 313 -28.34 -14.68 25.60
#